data_8YPW
#
_entry.id   8YPW
#
_cell.length_a   53.481
_cell.length_b   70.006
_cell.length_c   71.898
_cell.angle_alpha   90.00
_cell.angle_beta   90.00
_cell.angle_gamma   90.00
#
_symmetry.space_group_name_H-M   'P 21 21 21'
#
loop_
_entity.id
_entity.type
_entity.pdbx_description
1 polymer 'Cyclin-dependent kinase 2'
2 non-polymer 'methyl 3-[4-[3-[[3-[(1-ethylsulfonylpiperidin-4-yl)carbamoyl]-1~{H}-pyrazol-4-yl]carbamoyl]-2,4-bis(fluoranyl)phenyl]piperidin-1-yl]-3-oxidanylidene-propanoate'
3 water water
#
_entity_poly.entity_id   1
_entity_poly.type   'polypeptide(L)'
_entity_poly.pdbx_seq_one_letter_code
;GPLGSMENFQKVEKIGEGTYGVVYKARNKLTGEVVALKKIRLDTETEGVPSTAIREISLLKELNHPNIVKLLDVIHTENK
LYLVFEFLHQDLKKFMDASALTGIPLPLIKSYLFQLLQGLAFCHSHRVLHRDLKPQNLLINTEGAIKLADFGLARAFGVP
VRTYTHEVVTLWYRAPEILLGCKYYSTAVDIWSLGCIFAEMVTRRALFPGDSEIDQLFRIFRTLGTPDEVVWPGVTSMPD
YKPSFPKWARQDFSKVVPPLDEDGRSLLSQMLHYDPNKRISAKAALAHPFFQDVTKPVPHLRL
;
_entity_poly.pdbx_strand_id   A
#
loop_
_chem_comp.id
_chem_comp.type
_chem_comp.name
_chem_comp.formula
A1D6Z non-polymer 'methyl 3-[4-[3-[[3-[(1-ethylsulfonylpiperidin-4-yl)carbamoyl]-1~{H}-pyrazol-4-yl]carbamoyl]-2,4-bis(fluoranyl)phenyl]piperidin-1-yl]-3-oxidanylidene-propanoate' 'C27 H34 F2 N6 O7 S'
#
# COMPACT_ATOMS: atom_id res chain seq x y z
N GLY A 1 1.10 24.09 19.18
CA GLY A 1 -0.23 23.57 19.40
C GLY A 1 -0.69 23.67 20.84
N PRO A 2 -2.02 23.80 21.05
CA PRO A 2 -2.53 23.99 22.42
C PRO A 2 -2.47 22.71 23.25
N LEU A 3 -3.07 22.72 24.43
CA LEU A 3 -2.85 21.67 25.41
C LEU A 3 -4.14 20.93 25.73
N GLY A 4 -3.98 19.71 26.24
CA GLY A 4 -5.05 18.97 26.89
C GLY A 4 -6.02 18.24 25.98
N SER A 5 -5.91 18.41 24.66
CA SER A 5 -6.90 17.84 23.74
C SER A 5 -6.89 16.31 23.72
N MET A 6 -5.76 15.68 24.05
CA MET A 6 -5.62 14.22 24.07
C MET A 6 -5.93 13.59 25.44
N GLU A 7 -6.30 14.38 26.46
CA GLU A 7 -6.59 13.80 27.76
C GLU A 7 -7.77 12.82 27.72
N ASN A 8 -8.60 12.89 26.68
CA ASN A 8 -9.72 11.96 26.58
C ASN A 8 -9.28 10.56 26.18
N PHE A 9 -8.02 10.40 25.78
CA PHE A 9 -7.51 9.13 25.28
C PHE A 9 -6.50 8.56 26.24
N GLN A 10 -6.57 7.24 26.43
CA GLN A 10 -5.59 6.52 27.24
C GLN A 10 -4.86 5.56 26.31
N LYS A 11 -3.56 5.76 26.17
CA LYS A 11 -2.78 4.86 25.33
C LYS A 11 -2.62 3.53 26.04
N VAL A 12 -2.89 2.43 25.33
CA VAL A 12 -2.79 1.12 25.93
C VAL A 12 -1.59 0.34 25.42
N GLU A 13 -1.15 0.55 24.18
CA GLU A 13 0.14 -0.01 23.77
C GLU A 13 0.62 0.62 22.47
N LYS A 14 1.94 0.59 22.31
CA LYS A 14 2.58 0.97 21.05
C LYS A 14 2.54 -0.22 20.11
N ILE A 15 1.99 -0.04 18.91
CA ILE A 15 1.70 -1.15 18.01
C ILE A 15 2.38 -1.04 16.65
N GLY A 16 3.08 0.05 16.38
CA GLY A 16 3.78 0.14 15.11
C GLY A 16 4.47 1.48 14.97
N GLU A 17 5.26 1.61 13.91
CA GLU A 17 5.81 2.91 13.59
C GLU A 17 6.20 2.91 12.12
N GLY A 18 6.46 4.12 11.60
CA GLY A 18 6.80 4.33 10.21
C GLY A 18 7.63 5.58 10.09
N THR A 19 7.87 6.05 8.86
CA THR A 19 8.81 7.15 8.66
C THR A 19 8.43 8.36 9.51
N TYR A 20 7.15 8.74 9.49
CA TYR A 20 6.72 10.01 10.05
C TYR A 20 5.83 9.89 11.27
N GLY A 21 5.59 8.68 11.78
CA GLY A 21 4.73 8.59 12.93
C GLY A 21 4.89 7.30 13.71
N VAL A 22 4.42 7.34 14.95
CA VAL A 22 4.34 6.18 15.84
C VAL A 22 2.87 5.83 15.99
N VAL A 23 2.54 4.52 16.00
CA VAL A 23 1.17 4.05 16.06
C VAL A 23 0.90 3.45 17.43
N TYR A 24 -0.21 3.86 18.04
CA TYR A 24 -0.65 3.32 19.32
C TYR A 24 -2.06 2.75 19.20
N LYS A 25 -2.34 1.77 20.05
CA LYS A 25 -3.71 1.42 20.39
C LYS A 25 -4.12 2.25 21.59
N ALA A 26 -5.35 2.78 21.57
CA ALA A 26 -5.78 3.65 22.66
C ALA A 26 -7.27 3.49 22.89
N ARG A 27 -7.70 3.93 24.07
CA ARG A 27 -9.11 3.91 24.42
C ARG A 27 -9.58 5.32 24.78
N ASN A 28 -10.76 5.67 24.27
CA ASN A 28 -11.43 6.90 24.68
C ASN A 28 -12.02 6.70 26.07
N LYS A 29 -11.63 7.56 27.01
CA LYS A 29 -12.15 7.48 28.36
C LYS A 29 -13.63 7.84 28.44
N LEU A 30 -14.10 8.67 27.51
CA LEU A 30 -15.49 9.12 27.55
C LEU A 30 -16.43 8.11 26.90
N THR A 31 -16.03 7.54 25.76
CA THR A 31 -16.93 6.73 24.96
C THR A 31 -16.65 5.23 25.06
N GLY A 32 -15.50 4.83 25.61
CA GLY A 32 -15.11 3.44 25.61
C GLY A 32 -14.54 2.95 24.29
N GLU A 33 -14.58 3.76 23.23
CA GLU A 33 -14.10 3.33 21.93
C GLU A 33 -12.64 2.93 22.01
N VAL A 34 -12.29 1.89 21.27
CA VAL A 34 -10.90 1.50 21.07
C VAL A 34 -10.50 1.98 19.69
N VAL A 35 -9.31 2.58 19.59
CA VAL A 35 -8.93 3.37 18.44
C VAL A 35 -7.44 3.14 18.18
N ALA A 36 -7.00 3.45 16.96
CA ALA A 36 -5.57 3.59 16.68
C ALA A 36 -5.24 5.07 16.59
N LEU A 37 -4.05 5.43 17.07
CA LEU A 37 -3.54 6.79 16.99
C LEU A 37 -2.24 6.78 16.19
N LYS A 38 -2.10 7.71 15.27
CA LYS A 38 -0.82 8.00 14.64
C LYS A 38 -0.31 9.28 15.25
N LYS A 39 0.87 9.23 15.88
CA LYS A 39 1.47 10.40 16.52
C LYS A 39 2.56 10.93 15.61
N ILE A 40 2.39 12.15 15.12
CA ILE A 40 3.36 12.83 14.27
C ILE A 40 3.99 13.96 15.08
N ARG A 41 5.31 13.91 15.28
CA ARG A 41 5.99 15.02 15.95
C ARG A 41 6.24 16.15 14.95
N LEU A 42 6.00 17.37 15.40
CA LEU A 42 6.17 18.55 14.56
C LEU A 42 7.40 19.33 14.98
N ASP A 43 7.95 20.08 14.04
CA ASP A 43 9.10 20.93 14.34
C ASP A 43 8.69 22.11 15.21
N VAL A 49 2.60 20.64 10.34
CA VAL A 49 2.07 22.01 10.34
C VAL A 49 1.55 22.56 8.99
N PRO A 50 2.14 22.20 7.83
CA PRO A 50 1.83 22.95 6.60
C PRO A 50 0.35 22.94 6.25
N SER A 51 -0.18 24.11 5.91
CA SER A 51 -1.61 24.26 5.65
C SER A 51 -2.07 23.42 4.47
N THR A 52 -1.22 23.27 3.45
CA THR A 52 -1.55 22.40 2.33
C THR A 52 -1.73 20.96 2.82
N ALA A 53 -0.94 20.55 3.81
CA ALA A 53 -1.08 19.21 4.36
C ALA A 53 -2.34 19.10 5.22
N ILE A 54 -2.67 20.17 5.93
CA ILE A 54 -3.93 20.19 6.69
C ILE A 54 -5.11 19.97 5.76
N ARG A 55 -5.08 20.60 4.59
CA ARG A 55 -6.20 20.44 3.67
C ARG A 55 -6.20 19.05 3.05
N GLU A 56 -5.01 18.48 2.75
CA GLU A 56 -4.95 17.13 2.22
C GLU A 56 -5.53 16.13 3.20
N ILE A 57 -5.22 16.28 4.49
CA ILE A 57 -5.74 15.38 5.50
C ILE A 57 -7.23 15.57 5.67
N SER A 58 -7.70 16.82 5.57
CA SER A 58 -9.12 17.09 5.66
C SER A 58 -9.90 16.41 4.53
N LEU A 59 -9.32 16.39 3.33
CA LEU A 59 -9.98 15.71 2.23
C LEU A 59 -10.00 14.20 2.46
N LEU A 60 -8.90 13.65 3.01
CA LEU A 60 -8.88 12.21 3.29
C LEU A 60 -9.91 11.85 4.35
N LYS A 61 -10.19 12.75 5.29
CA LYS A 61 -11.22 12.50 6.29
C LYS A 61 -12.60 12.40 5.67
N GLU A 62 -12.78 12.97 4.47
CA GLU A 62 -14.05 12.89 3.74
C GLU A 62 -14.15 11.63 2.89
N LEU A 63 -13.02 10.97 2.60
CA LEU A 63 -12.97 9.81 1.69
C LEU A 63 -13.31 8.55 2.45
N ASN A 64 -14.59 8.33 2.67
CA ASN A 64 -15.03 7.18 3.44
C ASN A 64 -15.57 6.11 2.51
N HIS A 65 -15.03 4.89 2.65
CA HIS A 65 -15.36 3.72 1.86
C HIS A 65 -15.11 2.52 2.75
N PRO A 66 -15.91 1.46 2.62
CA PRO A 66 -15.71 0.26 3.47
C PRO A 66 -14.31 -0.33 3.45
N ASN A 67 -13.54 -0.08 2.38
CA ASN A 67 -12.20 -0.66 2.27
C ASN A 67 -11.10 0.38 2.49
N ILE A 68 -11.43 1.47 3.17
CA ILE A 68 -10.47 2.48 3.62
C ILE A 68 -10.63 2.61 5.13
N VAL A 69 -9.52 2.52 5.88
CA VAL A 69 -9.62 2.71 7.33
C VAL A 69 -10.16 4.10 7.63
N LYS A 70 -11.15 4.19 8.51
CA LYS A 70 -11.81 5.46 8.75
C LYS A 70 -10.94 6.36 9.60
N LEU A 71 -10.71 7.58 9.11
CA LEU A 71 -10.03 8.61 9.89
C LEU A 71 -11.12 9.31 10.70
N LEU A 72 -11.06 9.16 12.02
CA LEU A 72 -12.13 9.65 12.89
C LEU A 72 -11.91 11.10 13.30
N ASP A 73 -10.69 11.47 13.66
CA ASP A 73 -10.45 12.80 14.19
C ASP A 73 -9.02 13.19 13.90
N VAL A 74 -8.79 14.51 13.88
CA VAL A 74 -7.46 15.08 13.70
C VAL A 74 -7.23 16.06 14.85
N ILE A 75 -6.20 15.81 15.67
CA ILE A 75 -6.04 16.55 16.92
C ILE A 75 -4.62 17.10 17.02
N HIS A 76 -4.49 18.41 17.13
CA HIS A 76 -3.21 19.08 17.30
C HIS A 76 -3.02 19.47 18.76
N THR A 77 -1.92 19.01 19.35
CA THR A 77 -1.63 19.32 20.76
C THR A 77 -0.13 19.31 20.96
N GLU A 78 0.38 20.36 21.63
CA GLU A 78 1.81 20.52 21.93
C GLU A 78 2.56 20.52 20.59
N ASN A 79 3.65 19.77 20.45
CA ASN A 79 4.39 19.74 19.21
C ASN A 79 3.99 18.55 18.35
N LYS A 80 2.74 18.09 18.47
CA LYS A 80 2.30 16.83 17.89
C LYS A 80 1.00 17.01 17.11
N LEU A 81 0.87 16.21 16.05
CA LEU A 81 -0.39 16.00 15.35
C LEU A 81 -0.80 14.55 15.55
N TYR A 82 -2.02 14.34 16.06
CA TYR A 82 -2.56 12.99 16.26
C TYR A 82 -3.67 12.75 15.27
N LEU A 83 -3.58 11.64 14.55
CA LEU A 83 -4.68 11.15 13.72
C LEU A 83 -5.32 9.97 14.42
N VAL A 84 -6.65 10.01 14.56
CA VAL A 84 -7.41 9.02 15.31
C VAL A 84 -8.16 8.15 14.29
N PHE A 85 -7.94 6.82 14.32
CA PHE A 85 -8.47 5.91 13.32
C PHE A 85 -9.31 4.82 13.96
N GLU A 86 -10.28 4.30 13.20
CA GLU A 86 -10.92 3.07 13.63
C GLU A 86 -9.86 1.97 13.76
N PHE A 87 -10.03 1.12 14.76
CA PHE A 87 -9.03 0.12 15.09
C PHE A 87 -9.30 -1.18 14.32
N LEU A 88 -8.24 -1.77 13.76
CA LEU A 88 -8.31 -3.14 13.25
C LEU A 88 -7.19 -3.96 13.87
N HIS A 89 -7.45 -5.25 14.05
CA HIS A 89 -6.60 -6.05 14.94
C HIS A 89 -5.37 -6.63 14.27
N GLN A 90 -5.30 -6.68 12.94
CA GLN A 90 -4.18 -7.37 12.32
C GLN A 90 -3.91 -6.72 10.96
N ASP A 91 -2.66 -6.84 10.49
CA ASP A 91 -2.35 -6.40 9.13
C ASP A 91 -2.00 -7.60 8.27
N LEU A 92 -1.93 -7.36 6.96
CA LEU A 92 -1.78 -8.47 6.02
C LEU A 92 -0.42 -9.14 6.17
N LYS A 93 0.61 -8.39 6.56
CA LYS A 93 1.93 -8.99 6.77
C LYS A 93 1.87 -10.06 7.85
N LYS A 94 1.25 -9.75 8.99
CA LYS A 94 1.16 -10.77 10.04
C LYS A 94 0.32 -11.95 9.57
N PHE A 95 -0.75 -11.69 8.82
CA PHE A 95 -1.60 -12.78 8.33
C PHE A 95 -0.84 -13.68 7.35
N MET A 96 -0.07 -13.10 6.43
CA MET A 96 0.74 -13.96 5.57
C MET A 96 1.81 -14.69 6.37
N ASP A 97 2.39 -14.04 7.38
CA ASP A 97 3.35 -14.74 8.21
C ASP A 97 2.69 -15.93 8.91
N ALA A 98 1.47 -15.75 9.44
CA ALA A 98 0.77 -16.83 10.09
C ALA A 98 0.36 -17.93 9.12
N SER A 99 0.21 -17.60 7.85
CA SER A 99 -0.24 -18.51 6.81
C SER A 99 0.92 -19.05 5.97
N ALA A 100 2.15 -18.87 6.43
CA ALA A 100 3.30 -19.15 5.58
C ALA A 100 3.41 -20.64 5.23
N LEU A 101 3.02 -21.52 6.16
CA LEU A 101 3.17 -22.96 5.94
C LEU A 101 2.10 -23.50 5.00
N THR A 102 0.89 -22.94 5.09
CA THR A 102 -0.23 -23.41 4.30
C THR A 102 -0.50 -22.54 3.09
N GLY A 103 -0.18 -21.26 3.17
CA GLY A 103 -0.62 -20.30 2.17
C GLY A 103 -2.04 -19.83 2.45
N ILE A 104 -2.36 -18.67 1.92
CA ILE A 104 -3.72 -18.15 1.99
C ILE A 104 -4.54 -18.83 0.90
N PRO A 105 -5.70 -19.41 1.22
CA PRO A 105 -6.55 -20.00 0.19
C PRO A 105 -6.82 -19.00 -0.93
N LEU A 106 -6.79 -19.48 -2.17
CA LEU A 106 -7.11 -18.63 -3.32
C LEU A 106 -8.40 -17.84 -3.14
N PRO A 107 -9.53 -18.40 -2.67
CA PRO A 107 -10.72 -17.57 -2.53
C PRO A 107 -10.53 -16.34 -1.66
N LEU A 108 -9.73 -16.45 -0.60
CA LEU A 108 -9.49 -15.31 0.25
C LEU A 108 -8.52 -14.33 -0.40
N ILE A 109 -7.48 -14.84 -1.07
CA ILE A 109 -6.60 -13.95 -1.85
C ILE A 109 -7.45 -13.14 -2.84
N LYS A 110 -8.33 -13.82 -3.57
CA LYS A 110 -9.17 -13.15 -4.55
C LYS A 110 -10.08 -12.12 -3.90
N SER A 111 -10.69 -12.47 -2.76
CA SER A 111 -11.55 -11.51 -2.07
C SER A 111 -10.78 -10.28 -1.63
N TYR A 112 -9.60 -10.48 -1.02
CA TYR A 112 -8.79 -9.35 -0.58
C TYR A 112 -8.39 -8.48 -1.76
N LEU A 113 -7.94 -9.09 -2.86
CA LEU A 113 -7.54 -8.31 -4.02
C LEU A 113 -8.74 -7.53 -4.57
N PHE A 114 -9.89 -8.18 -4.67
CA PHE A 114 -11.10 -7.51 -5.16
C PHE A 114 -11.45 -6.31 -4.29
N GLN A 115 -11.45 -6.51 -2.97
CA GLN A 115 -11.80 -5.42 -2.05
C GLN A 115 -10.82 -4.26 -2.16
N LEU A 116 -9.53 -4.57 -2.25
CA LEU A 116 -8.55 -3.50 -2.36
C LEU A 116 -8.68 -2.75 -3.68
N LEU A 117 -9.01 -3.46 -4.76
CA LEU A 117 -9.31 -2.76 -6.02
C LEU A 117 -10.56 -1.90 -5.89
N GLN A 118 -11.54 -2.33 -5.10
CA GLN A 118 -12.72 -1.47 -4.89
C GLN A 118 -12.34 -0.20 -4.14
N GLY A 119 -11.58 -0.33 -3.06
CA GLY A 119 -11.11 0.85 -2.34
C GLY A 119 -10.27 1.76 -3.22
N LEU A 120 -9.37 1.18 -4.02
CA LEU A 120 -8.54 2.02 -4.91
C LEU A 120 -9.38 2.65 -6.02
N ALA A 121 -10.29 1.90 -6.64
CA ALA A 121 -11.14 2.52 -7.66
C ALA A 121 -11.92 3.70 -7.08
N PHE A 122 -12.37 3.56 -5.82
CA PHE A 122 -13.01 4.68 -5.14
C PHE A 122 -12.07 5.88 -4.98
N CYS A 123 -10.91 5.67 -4.35
CA CYS A 123 -9.93 6.74 -4.14
C CYS A 123 -9.54 7.38 -5.46
N HIS A 124 -9.20 6.55 -6.44
CA HIS A 124 -8.69 7.04 -7.71
C HIS A 124 -9.74 7.84 -8.47
N SER A 125 -11.03 7.51 -8.29
CA SER A 125 -12.08 8.28 -8.93
C SER A 125 -12.15 9.70 -8.36
N HIS A 126 -11.67 9.90 -7.13
CA HIS A 126 -11.52 11.23 -6.56
C HIS A 126 -10.13 11.80 -6.76
N ARG A 127 -9.32 11.17 -7.61
CA ARG A 127 -7.99 11.64 -7.95
C ARG A 127 -7.07 11.66 -6.73
N VAL A 128 -7.30 10.74 -5.80
CA VAL A 128 -6.49 10.56 -4.61
C VAL A 128 -5.60 9.34 -4.83
N LEU A 129 -4.30 9.49 -4.57
CA LEU A 129 -3.33 8.42 -4.67
C LEU A 129 -3.06 7.90 -3.27
N HIS A 130 -2.75 6.60 -3.16
CA HIS A 130 -2.25 6.15 -1.87
C HIS A 130 -0.74 6.40 -1.73
N ARG A 131 0.04 6.01 -2.75
CA ARG A 131 1.48 6.28 -2.90
C ARG A 131 2.41 5.34 -2.14
N ASP A 132 1.90 4.65 -1.13
CA ASP A 132 2.74 3.91 -0.17
C ASP A 132 2.19 2.54 0.13
N LEU A 133 1.59 1.87 -0.86
CA LEU A 133 0.90 0.61 -0.59
C LEU A 133 1.89 -0.52 -0.34
N LYS A 134 1.76 -1.17 0.82
CA LYS A 134 2.56 -2.31 1.25
C LYS A 134 1.66 -3.22 2.07
N PRO A 135 2.07 -4.47 2.30
CA PRO A 135 1.26 -5.35 3.16
C PRO A 135 0.98 -4.76 4.53
N GLN A 136 1.95 -4.05 5.12
CA GLN A 136 1.71 -3.48 6.43
C GLN A 136 0.72 -2.32 6.41
N ASN A 137 0.35 -1.83 5.23
CA ASN A 137 -0.68 -0.80 5.10
C ASN A 137 -2.07 -1.39 4.93
N LEU A 138 -2.22 -2.70 4.96
CA LEU A 138 -3.49 -3.36 4.70
C LEU A 138 -3.96 -4.04 5.97
N LEU A 139 -5.09 -3.59 6.51
CA LEU A 139 -5.58 -4.04 7.81
C LEU A 139 -6.80 -4.94 7.59
N ILE A 140 -6.90 -6.01 8.40
CA ILE A 140 -7.95 -7.01 8.20
C ILE A 140 -8.73 -7.17 9.51
N ASN A 141 -9.98 -7.62 9.38
CA ASN A 141 -10.82 -7.93 10.54
C ASN A 141 -11.38 -9.34 10.42
N THR A 142 -12.12 -9.78 11.45
CA THR A 142 -12.61 -11.15 11.49
C THR A 142 -13.71 -11.41 10.47
N GLU A 143 -14.35 -10.38 9.94
CA GLU A 143 -15.46 -10.53 9.01
C GLU A 143 -15.00 -10.75 7.57
N GLY A 144 -13.70 -10.72 7.32
CA GLY A 144 -13.20 -10.92 5.98
C GLY A 144 -12.92 -9.65 5.22
N ALA A 145 -13.06 -8.49 5.85
CA ALA A 145 -12.74 -7.24 5.18
C ALA A 145 -11.25 -6.95 5.23
N ILE A 146 -10.78 -6.19 4.24
CA ILE A 146 -9.41 -5.67 4.23
C ILE A 146 -9.51 -4.20 3.85
N LYS A 147 -8.64 -3.36 4.43
CA LYS A 147 -8.80 -1.91 4.32
C LYS A 147 -7.45 -1.24 4.10
N LEU A 148 -7.48 -0.16 3.29
CA LEU A 148 -6.31 0.67 3.03
C LEU A 148 -6.04 1.62 4.18
N ALA A 149 -4.78 1.69 4.61
CA ALA A 149 -4.37 2.51 5.76
C ALA A 149 -3.10 3.30 5.42
N ASP A 150 -2.94 4.42 6.15
CA ASP A 150 -1.77 5.27 6.14
C ASP A 150 -1.41 5.72 4.72
N PHE A 151 -2.35 6.44 4.11
CA PHE A 151 -2.13 7.07 2.82
C PHE A 151 -0.96 8.04 2.90
N GLY A 152 -0.16 8.08 1.84
CA GLY A 152 0.93 9.03 1.73
C GLY A 152 0.47 10.33 1.08
N LEU A 153 1.00 11.44 1.60
CA LEU A 153 0.59 12.75 1.11
C LEU A 153 1.52 13.22 0.00
N ALA A 154 1.01 14.15 -0.82
CA ALA A 154 1.81 14.70 -1.91
C ALA A 154 3.11 15.30 -1.39
N ARG A 155 3.06 15.99 -0.26
CA ARG A 155 4.25 16.49 0.41
C ARG A 155 4.20 16.05 1.85
N ALA A 156 5.22 15.30 2.27
CA ALA A 156 5.30 14.82 3.63
C ALA A 156 5.62 15.96 4.59
N PHE A 157 5.41 15.68 5.87
CA PHE A 157 5.77 16.59 6.94
C PHE A 157 5.95 15.76 8.19
N GLY A 158 6.56 16.37 9.18
CA GLY A 158 6.79 15.69 10.44
C GLY A 158 8.26 15.38 10.62
N VAL A 159 8.66 15.27 11.89
CA VAL A 159 10.02 14.89 12.24
C VAL A 159 10.17 13.39 12.03
N PRO A 160 11.08 12.94 11.17
CA PRO A 160 11.27 11.50 10.98
C PRO A 160 11.53 10.80 12.31
N VAL A 161 10.88 9.64 12.46
CA VAL A 161 11.00 8.85 13.67
C VAL A 161 12.37 8.18 13.69
N ARG A 162 13.21 8.54 14.67
CA ARG A 162 14.58 8.03 14.70
C ARG A 162 14.65 6.54 15.02
N THR A 163 13.63 5.98 15.68
CA THR A 163 13.68 4.57 16.04
C THR A 163 13.25 3.65 14.90
N TYR A 164 12.77 4.21 13.80
CA TYR A 164 12.26 3.43 12.68
C TYR A 164 13.40 3.11 11.72
N THR A 165 13.64 1.83 11.47
CA THR A 165 14.80 1.42 10.68
C THR A 165 14.43 0.60 9.44
N HIS A 166 13.15 0.49 9.09
CA HIS A 166 12.72 -0.42 8.02
C HIS A 166 12.34 0.28 6.72
N GLU A 167 12.81 1.51 6.49
CA GLU A 167 12.36 2.23 5.30
C GLU A 167 12.80 1.50 4.02
N VAL A 168 13.82 0.65 4.11
CA VAL A 168 14.28 -0.10 2.93
C VAL A 168 13.16 -0.95 2.36
N VAL A 169 12.22 -1.38 3.21
CA VAL A 169 11.12 -2.22 2.74
C VAL A 169 10.18 -1.46 1.81
N THR A 170 10.14 -0.12 1.92
CA THR A 170 9.25 0.65 1.05
C THR A 170 9.68 0.58 -0.42
N LEU A 171 10.96 0.30 -0.69
CA LEU A 171 11.40 0.14 -2.08
C LEU A 171 10.65 -0.98 -2.77
N TRP A 172 10.31 -2.04 -2.04
CA TRP A 172 9.89 -3.29 -2.66
C TRP A 172 8.65 -3.11 -3.50
N TYR A 173 7.83 -2.13 -3.17
CA TYR A 173 6.52 -1.95 -3.79
C TYR A 173 6.48 -0.71 -4.67
N ARG A 174 7.62 -0.09 -4.93
CA ARG A 174 7.68 1.15 -5.71
C ARG A 174 7.60 0.87 -7.21
N ALA A 175 6.77 1.64 -7.88
CA ALA A 175 6.59 1.50 -9.32
C ALA A 175 7.85 1.95 -10.08
N PRO A 176 8.10 1.39 -11.25
CA PRO A 176 9.33 1.76 -11.99
C PRO A 176 9.39 3.21 -12.41
N GLU A 177 8.24 3.83 -12.71
CA GLU A 177 8.28 5.25 -13.09
C GLU A 177 8.73 6.12 -11.92
N ILE A 178 8.40 5.73 -10.69
CA ILE A 178 8.93 6.46 -9.53
C ILE A 178 10.44 6.31 -9.48
N LEU A 179 10.91 5.06 -9.56
CA LEU A 179 12.35 4.78 -9.51
C LEU A 179 13.11 5.45 -10.65
N LEU A 180 12.45 5.69 -11.77
CA LEU A 180 13.10 6.33 -12.91
C LEU A 180 12.97 7.86 -12.89
N GLY A 181 12.42 8.42 -11.82
CA GLY A 181 12.44 9.87 -11.64
C GLY A 181 11.20 10.62 -12.07
N CYS A 182 10.07 9.95 -12.30
CA CYS A 182 8.86 10.66 -12.64
C CYS A 182 8.42 11.53 -11.48
N LYS A 183 8.19 12.82 -11.72
CA LYS A 183 7.84 13.73 -10.65
C LYS A 183 6.35 13.73 -10.34
N TYR A 184 5.50 13.65 -11.36
CA TYR A 184 4.05 13.77 -11.22
C TYR A 184 3.42 12.43 -11.58
N TYR A 185 3.66 11.44 -10.75
CA TYR A 185 3.15 10.13 -11.08
C TYR A 185 1.65 10.05 -10.77
N SER A 186 1.07 8.91 -11.13
CA SER A 186 -0.37 8.77 -11.27
C SER A 186 -0.88 7.67 -10.36
N THR A 187 -2.21 7.49 -10.36
CA THR A 187 -2.84 6.36 -9.70
C THR A 187 -2.25 5.01 -10.13
N ALA A 188 -1.55 4.96 -11.26
CA ALA A 188 -0.97 3.70 -11.70
C ALA A 188 0.09 3.18 -10.72
N VAL A 189 0.71 4.06 -9.93
CA VAL A 189 1.69 3.55 -8.98
C VAL A 189 1.01 2.66 -7.95
N ASP A 190 -0.26 2.91 -7.65
CA ASP A 190 -0.95 2.08 -6.66
C ASP A 190 -1.27 0.71 -7.21
N ILE A 191 -1.61 0.64 -8.51
CA ILE A 191 -1.87 -0.65 -9.14
C ILE A 191 -0.61 -1.51 -9.15
N TRP A 192 0.54 -0.89 -9.44
CA TRP A 192 1.81 -1.62 -9.38
C TRP A 192 2.03 -2.22 -7.99
N SER A 193 1.94 -1.38 -6.95
CA SER A 193 2.14 -1.87 -5.59
C SER A 193 1.20 -3.04 -5.28
N LEU A 194 -0.07 -2.90 -5.64
CA LEU A 194 -1.01 -3.97 -5.34
C LEU A 194 -0.68 -5.22 -6.12
N GLY A 195 -0.20 -5.08 -7.35
CA GLY A 195 0.27 -6.23 -8.08
C GLY A 195 1.38 -6.97 -7.35
N CYS A 196 2.35 -6.23 -6.83
CA CYS A 196 3.43 -6.86 -6.06
C CYS A 196 2.86 -7.59 -4.85
N ILE A 197 1.88 -6.98 -4.19
CA ILE A 197 1.27 -7.60 -3.00
C ILE A 197 0.49 -8.87 -3.39
N PHE A 198 -0.20 -8.83 -4.53
CA PHE A 198 -0.91 -10.01 -5.05
C PHE A 198 0.05 -11.17 -5.25
N ALA A 199 1.18 -10.92 -5.92
CA ALA A 199 2.17 -11.96 -6.14
C ALA A 199 2.72 -12.49 -4.82
N GLU A 200 2.85 -11.60 -3.83
CA GLU A 200 3.37 -12.00 -2.51
C GLU A 200 2.38 -12.87 -1.76
N MET A 201 1.07 -12.55 -1.86
CA MET A 201 0.08 -13.41 -1.24
C MET A 201 0.12 -14.82 -1.83
N VAL A 202 0.29 -14.90 -3.15
CA VAL A 202 0.25 -16.19 -3.86
C VAL A 202 1.47 -17.04 -3.54
N THR A 203 2.67 -16.46 -3.64
CA THR A 203 3.91 -17.20 -3.54
C THR A 203 4.48 -17.27 -2.13
N ARG A 204 3.97 -16.46 -1.19
CA ARG A 204 4.49 -16.37 0.18
C ARG A 204 5.92 -15.85 0.21
N ARG A 205 6.27 -15.02 -0.76
CA ARG A 205 7.59 -14.42 -0.84
C ARG A 205 7.46 -13.08 -1.55
N ALA A 206 8.19 -12.07 -1.07
CA ALA A 206 8.13 -10.77 -1.75
C ALA A 206 8.60 -10.93 -3.18
N LEU A 207 7.99 -10.17 -4.09
CA LEU A 207 8.29 -10.29 -5.51
C LEU A 207 9.63 -9.65 -5.87
N PHE A 208 9.81 -8.40 -5.46
CA PHE A 208 10.99 -7.61 -5.80
C PHE A 208 11.61 -7.01 -4.54
N PRO A 209 12.31 -7.80 -3.72
CA PRO A 209 12.81 -7.25 -2.45
C PRO A 209 14.17 -6.55 -2.58
N GLY A 210 14.17 -5.38 -3.24
CA GLY A 210 15.41 -4.65 -3.43
C GLY A 210 15.90 -3.98 -2.14
N ASP A 211 17.15 -3.55 -2.16
CA ASP A 211 17.67 -2.88 -0.96
C ASP A 211 18.33 -1.56 -1.29
N SER A 212 18.19 -1.10 -2.52
CA SER A 212 18.61 0.21 -2.97
C SER A 212 17.76 0.51 -4.19
N GLU A 213 17.73 1.78 -4.59
CA GLU A 213 16.90 2.12 -5.75
C GLU A 213 17.38 1.41 -7.00
N ILE A 214 18.70 1.26 -7.16
CA ILE A 214 19.20 0.59 -8.37
C ILE A 214 18.99 -0.92 -8.28
N ASP A 215 19.13 -1.51 -7.09
CA ASP A 215 18.88 -2.94 -6.95
C ASP A 215 17.40 -3.23 -7.16
N GLN A 216 16.53 -2.31 -6.69
CA GLN A 216 15.11 -2.46 -6.93
C GLN A 216 14.79 -2.43 -8.42
N LEU A 217 15.35 -1.45 -9.13
CA LEU A 217 15.13 -1.42 -10.58
C LEU A 217 15.66 -2.67 -11.24
N PHE A 218 16.87 -3.09 -10.89
CA PHE A 218 17.45 -4.22 -11.60
C PHE A 218 16.70 -5.51 -11.28
N ARG A 219 16.13 -5.64 -10.09
CA ARG A 219 15.32 -6.82 -9.81
C ARG A 219 14.08 -6.84 -10.70
N ILE A 220 13.43 -5.69 -10.88
CA ILE A 220 12.31 -5.60 -11.82
C ILE A 220 12.76 -5.96 -13.23
N PHE A 221 13.91 -5.41 -13.66
CA PHE A 221 14.38 -5.64 -15.03
C PHE A 221 14.71 -7.10 -15.27
N ARG A 222 15.30 -7.79 -14.27
CA ARG A 222 15.66 -9.18 -14.49
C ARG A 222 14.43 -10.06 -14.65
N THR A 223 13.31 -9.67 -14.08
CA THR A 223 12.10 -10.47 -14.19
C THR A 223 11.25 -10.07 -15.39
N LEU A 224 10.99 -8.77 -15.57
CA LEU A 224 10.10 -8.30 -16.62
C LEU A 224 10.83 -7.84 -17.88
N GLY A 225 12.17 -7.90 -17.92
CA GLY A 225 12.92 -7.44 -19.07
C GLY A 225 13.32 -5.99 -18.88
N THR A 226 14.50 -5.61 -19.34
CA THR A 226 14.86 -4.21 -19.30
C THR A 226 13.92 -3.42 -20.21
N PRO A 227 13.24 -2.39 -19.71
CA PRO A 227 12.29 -1.68 -20.56
C PRO A 227 13.00 -0.85 -21.62
N ASP A 228 12.36 -0.71 -22.77
CA ASP A 228 12.89 0.09 -23.88
C ASP A 228 11.72 0.77 -24.58
N GLU A 229 12.01 1.45 -25.70
CA GLU A 229 10.97 2.20 -26.37
C GLU A 229 9.90 1.30 -26.97
N VAL A 230 10.22 0.02 -27.18
CA VAL A 230 9.26 -0.92 -27.76
C VAL A 230 8.08 -1.14 -26.81
N VAL A 231 8.36 -1.36 -25.53
CA VAL A 231 7.29 -1.66 -24.58
C VAL A 231 6.88 -0.44 -23.75
N TRP A 232 7.71 0.60 -23.70
CA TRP A 232 7.41 1.79 -22.89
C TRP A 232 7.89 3.03 -23.63
N PRO A 233 7.06 3.58 -24.52
CA PRO A 233 7.47 4.76 -25.28
C PRO A 233 7.82 5.92 -24.34
N GLY A 234 8.97 6.53 -24.58
CA GLY A 234 9.43 7.60 -23.72
C GLY A 234 10.29 7.19 -22.55
N VAL A 235 10.39 5.89 -22.23
CA VAL A 235 11.16 5.48 -21.05
C VAL A 235 12.62 5.93 -21.16
N THR A 236 13.19 5.92 -22.37
CA THR A 236 14.62 6.23 -22.43
C THR A 236 14.90 7.71 -22.22
N SER A 237 13.87 8.54 -22.09
CA SER A 237 14.03 9.96 -21.81
C SER A 237 13.76 10.31 -20.36
N MET A 238 13.35 9.35 -19.54
CA MET A 238 13.00 9.63 -18.16
C MET A 238 14.23 10.09 -17.38
N PRO A 239 14.03 10.89 -16.33
CA PRO A 239 15.17 11.60 -15.72
C PRO A 239 16.28 10.70 -15.24
N ASP A 240 15.97 9.54 -14.67
CA ASP A 240 17.00 8.66 -14.16
C ASP A 240 17.28 7.46 -15.06
N TYR A 241 16.72 7.44 -16.28
CA TYR A 241 17.07 6.37 -17.20
C TYR A 241 18.50 6.54 -17.68
N LYS A 242 19.23 5.42 -17.75
CA LYS A 242 20.61 5.43 -18.22
C LYS A 242 20.74 4.45 -19.38
N PRO A 243 21.25 4.87 -20.53
CA PRO A 243 21.46 3.93 -21.64
C PRO A 243 22.32 2.74 -21.24
N SER A 244 23.11 2.89 -20.18
CA SER A 244 24.04 1.86 -19.75
C SER A 244 23.39 0.78 -18.88
N PHE A 245 22.09 0.86 -18.61
CA PHE A 245 21.41 -0.22 -17.92
C PHE A 245 21.71 -1.55 -18.61
N PRO A 246 22.01 -2.61 -17.87
CA PRO A 246 22.12 -3.93 -18.50
C PRO A 246 20.82 -4.31 -19.18
N LYS A 247 20.93 -5.05 -20.28
CA LYS A 247 19.78 -5.44 -21.09
C LYS A 247 19.43 -6.89 -20.77
N TRP A 248 18.47 -7.09 -19.87
CA TRP A 248 17.97 -8.41 -19.53
C TRP A 248 16.71 -8.74 -20.32
N ALA A 249 16.59 -10.00 -20.74
CA ALA A 249 15.37 -10.51 -21.35
C ALA A 249 14.32 -10.82 -20.30
N ARG A 250 13.05 -10.70 -20.69
CA ARG A 250 11.94 -10.97 -19.79
C ARG A 250 11.88 -12.45 -19.42
N GLN A 251 11.39 -12.74 -18.21
CA GLN A 251 11.02 -14.09 -17.79
C GLN A 251 9.53 -14.34 -18.05
N ASP A 252 9.09 -15.58 -17.84
CA ASP A 252 7.69 -15.93 -18.04
C ASP A 252 6.94 -15.88 -16.71
N PHE A 253 5.73 -15.34 -16.74
CA PHE A 253 4.94 -15.23 -15.51
C PHE A 253 4.61 -16.57 -14.90
N SER A 254 4.68 -17.65 -15.68
CA SER A 254 4.44 -18.97 -15.10
C SER A 254 5.57 -19.37 -14.15
N LYS A 255 6.76 -18.82 -14.35
CA LYS A 255 7.83 -19.00 -13.39
C LYS A 255 7.66 -18.08 -12.18
N VAL A 256 7.01 -16.93 -12.37
CA VAL A 256 7.02 -15.87 -11.36
C VAL A 256 6.00 -16.12 -10.26
N VAL A 257 4.77 -16.52 -10.59
CA VAL A 257 3.79 -16.75 -9.54
C VAL A 257 3.13 -18.13 -9.66
N PRO A 258 3.88 -19.23 -9.75
CA PRO A 258 3.23 -20.53 -9.70
C PRO A 258 2.68 -20.78 -8.30
N PRO A 259 1.57 -21.47 -8.17
CA PRO A 259 0.77 -22.11 -9.22
C PRO A 259 -0.48 -21.32 -9.59
N LEU A 260 -0.43 -19.98 -9.59
CA LEU A 260 -1.60 -19.17 -9.91
C LEU A 260 -2.14 -19.52 -11.29
N ASP A 261 -3.47 -19.51 -11.41
CA ASP A 261 -4.13 -19.85 -12.66
C ASP A 261 -3.94 -18.72 -13.69
N GLU A 262 -4.32 -19.03 -14.93
CA GLU A 262 -4.11 -18.10 -16.04
C GLU A 262 -4.96 -16.84 -15.93
N ASP A 263 -6.14 -16.91 -15.31
CA ASP A 263 -6.88 -15.67 -15.07
C ASP A 263 -6.07 -14.75 -14.16
N GLY A 264 -5.60 -15.30 -13.04
CA GLY A 264 -4.83 -14.49 -12.10
C GLY A 264 -3.53 -13.97 -12.69
N ARG A 265 -2.81 -14.84 -13.41
CA ARG A 265 -1.56 -14.42 -14.04
C ARG A 265 -1.82 -13.33 -15.08
N SER A 266 -2.91 -13.46 -15.85
CA SER A 266 -3.24 -12.45 -16.84
C SER A 266 -3.47 -11.11 -16.16
N LEU A 267 -4.23 -11.10 -15.08
CA LEU A 267 -4.48 -9.86 -14.36
C LEU A 267 -3.20 -9.30 -13.77
N LEU A 268 -2.41 -10.16 -13.13
CA LEU A 268 -1.16 -9.68 -12.55
C LEU A 268 -0.27 -9.05 -13.60
N SER A 269 -0.18 -9.67 -14.79
CA SER A 269 0.67 -9.10 -15.83
C SER A 269 0.21 -7.72 -16.25
N GLN A 270 -1.11 -7.48 -16.25
CA GLN A 270 -1.62 -6.15 -16.60
C GLN A 270 -1.38 -5.13 -15.48
N MET A 271 -1.33 -5.59 -14.23
CA MET A 271 -1.02 -4.70 -13.11
C MET A 271 0.46 -4.36 -13.08
N LEU A 272 1.31 -5.19 -13.68
CA LEU A 272 2.74 -4.95 -13.71
C LEU A 272 3.24 -4.48 -15.07
N HIS A 273 2.37 -3.91 -15.91
CA HIS A 273 2.87 -3.33 -17.15
C HIS A 273 3.81 -2.16 -16.84
N TYR A 274 4.90 -2.08 -17.60
CA TYR A 274 5.86 -0.99 -17.41
C TYR A 274 5.22 0.37 -17.63
N ASP A 275 4.54 0.53 -18.74
CA ASP A 275 4.04 1.83 -19.16
C ASP A 275 2.81 2.20 -18.34
N PRO A 276 2.89 3.24 -17.51
CA PRO A 276 1.72 3.62 -16.69
C PRO A 276 0.48 3.94 -17.52
N ASN A 277 0.62 4.07 -18.84
CA ASN A 277 -0.53 4.28 -19.70
C ASN A 277 -1.13 2.99 -20.25
N LYS A 278 -0.41 1.88 -20.22
CA LYS A 278 -1.03 0.59 -20.50
C LYS A 278 -1.40 -0.16 -19.23
N ARG A 279 -0.85 0.23 -18.08
CA ARG A 279 -1.14 -0.48 -16.83
C ARG A 279 -2.64 -0.41 -16.54
N ILE A 280 -3.21 -1.54 -16.16
CA ILE A 280 -4.66 -1.62 -15.96
C ILE A 280 -5.07 -0.69 -14.82
N SER A 281 -6.24 -0.06 -14.96
CA SER A 281 -6.80 0.76 -13.89
C SER A 281 -7.48 -0.14 -12.85
N ALA A 282 -7.72 0.44 -11.66
CA ALA A 282 -8.45 -0.33 -10.65
C ALA A 282 -9.83 -0.74 -11.17
N LYS A 283 -10.52 0.19 -11.87
CA LYS A 283 -11.86 -0.09 -12.36
C LYS A 283 -11.87 -1.19 -13.42
N ALA A 284 -10.95 -1.13 -14.39
CA ALA A 284 -10.87 -2.19 -15.39
C ALA A 284 -10.50 -3.51 -14.73
N ALA A 285 -9.61 -3.48 -13.73
CA ALA A 285 -9.25 -4.71 -13.04
C ALA A 285 -10.46 -5.35 -12.36
N LEU A 286 -11.39 -4.55 -11.84
CA LEU A 286 -12.57 -5.14 -11.20
C LEU A 286 -13.41 -5.94 -12.17
N ALA A 287 -13.39 -5.58 -13.46
CA ALA A 287 -14.11 -6.27 -14.52
C ALA A 287 -13.35 -7.47 -15.08
N HIS A 288 -12.14 -7.75 -14.59
CA HIS A 288 -11.35 -8.84 -15.14
C HIS A 288 -12.01 -10.20 -14.86
N PRO A 289 -11.88 -11.16 -15.79
CA PRO A 289 -12.51 -12.47 -15.58
C PRO A 289 -12.06 -13.20 -14.32
N PHE A 290 -10.88 -12.90 -13.78
CA PHE A 290 -10.46 -13.46 -12.49
C PHE A 290 -11.53 -13.29 -11.41
N PHE A 291 -12.36 -12.25 -11.49
CA PHE A 291 -13.30 -12.00 -10.42
C PHE A 291 -14.70 -12.53 -10.73
N GLN A 292 -14.85 -13.33 -11.79
CA GLN A 292 -16.17 -13.84 -12.12
C GLN A 292 -16.75 -14.70 -11.00
N ASP A 293 -15.90 -15.30 -10.18
CA ASP A 293 -16.37 -16.19 -9.11
C ASP A 293 -15.93 -15.70 -7.73
N VAL A 294 -15.83 -14.38 -7.54
CA VAL A 294 -15.35 -13.86 -6.27
C VAL A 294 -16.40 -14.06 -5.19
N THR A 295 -15.94 -14.41 -3.99
CA THR A 295 -16.78 -14.61 -2.81
C THR A 295 -16.13 -13.83 -1.68
N LYS A 296 -16.70 -13.93 -0.47
CA LYS A 296 -16.12 -13.27 0.70
C LYS A 296 -15.91 -14.27 1.82
N PRO A 297 -14.83 -15.06 1.77
CA PRO A 297 -14.52 -15.96 2.88
C PRO A 297 -14.12 -15.18 4.12
N VAL A 298 -14.11 -15.86 5.25
CA VAL A 298 -13.60 -15.22 6.46
C VAL A 298 -12.25 -15.85 6.76
N PRO A 299 -11.28 -15.07 7.24
CA PRO A 299 -10.01 -15.66 7.68
C PRO A 299 -10.16 -16.29 9.05
N HIS A 300 -9.27 -17.24 9.34
CA HIS A 300 -9.14 -17.72 10.71
C HIS A 300 -8.08 -16.85 11.37
N LEU A 301 -8.53 -15.85 12.13
CA LEU A 301 -7.62 -14.92 12.81
C LEU A 301 -7.45 -15.36 14.25
N ARG A 302 -6.19 -15.40 14.72
CA ARG A 302 -5.91 -15.61 16.13
C ARG A 302 -5.45 -14.26 16.68
N LEU A 303 -6.30 -13.66 17.52
CA LEU A 303 -6.04 -12.33 18.08
C LEU A 303 -5.47 -12.41 19.48
C01 A1D6Z B . -2.90 -3.93 15.18
C02 A1D6Z B . -1.73 -4.84 15.35
C04 A1D6Z B . -1.00 -4.46 13.08
C05 A1D6Z B . -2.15 -3.49 12.90
C06 A1D6Z B . -2.57 -2.81 14.20
C08 A1D6Z B . -3.42 -0.67 13.49
C10 A1D6Z B . -4.49 0.23 13.09
C11 A1D6Z B . -4.38 1.42 12.34
C12 A1D6Z B . -5.68 1.90 12.17
C16 A1D6Z B . -2.92 2.92 10.98
C17 A1D6Z B . -1.53 3.23 10.64
C19 A1D6Z B . -0.99 4.47 10.83
C20 A1D6Z B . 0.36 4.74 10.53
C21 A1D6Z B . 1.17 3.72 10.00
C22 A1D6Z B . 0.69 2.43 9.82
C23 A1D6Z B . -0.66 2.26 10.12
C26 A1D6Z B . 1.52 1.33 9.24
C27 A1D6Z B . 1.85 1.67 7.77
C28 A1D6Z B . 2.79 0.72 7.09
C30 A1D6Z B . 3.77 -0.03 9.11
C31 A1D6Z B . 2.86 0.94 9.95
C32 A1D6Z B . 5.21 1.19 7.43
C34 A1D6Z B . 6.51 1.09 8.24
C35 A1D6Z B . 7.16 -0.26 7.91
C38 A1D6Z B . 7.57 -1.85 6.16
C40 A1D6Z B . 1.15 -6.45 14.33
C41 A1D6Z B . 1.99 -7.66 14.72
F24 A1D6Z B . -1.15 1.05 9.93
F25 A1D6Z B . -1.78 5.43 11.32
N03 A1D6Z B . -1.32 -5.48 14.07
N07 A1D6Z B . -3.65 -1.92 13.92
N13 A1D6Z B . -6.51 0.97 12.81
N14 A1D6Z B . -5.79 -0.05 13.38
N15 A1D6Z B . -3.16 1.91 11.89
N29 A1D6Z B . 4.03 0.62 7.86
O09 A1D6Z B . -2.23 -0.27 13.38
O18 A1D6Z B . -3.83 3.54 10.47
O33 A1D6Z B . 5.21 1.75 6.34
O36 A1D6Z B . 7.70 -1.05 8.67
O37 A1D6Z B . 7.11 -0.57 6.57
O42 A1D6Z B . -1.01 -7.58 15.14
O43 A1D6Z B . -0.64 -7.32 12.73
S39 A1D6Z B . -0.53 -6.83 14.06
#